data_3DNS
#
_entry.id   3DNS
#
_cell.length_a   59.619
_cell.length_b   59.619
_cell.length_c   196.448
_cell.angle_alpha   90.00
_cell.angle_beta   90.00
_cell.angle_gamma   90.00
#
_symmetry.space_group_name_H-M   'P 41 21 2'
#
loop_
_entity.id
_entity.type
_entity.pdbx_description
1 polymer 'Ribosomal-protein-alanine acetyltransferase'
2 water water
#
_entity_poly.entity_id   1
_entity_poly.type   'polypeptide(L)'
_entity_poly.pdbx_seq_one_letter_code
;SNA(MSE)LKGKYTKIEKVNGVEREYLITDKYGITIGRIFIVDLNKDNRFC(MSE)FR(MSE)KIYKQGKSINTYIKEIL
SVF(MSE)EFLFKSNDINKVNIIVDEEVSTQPFVELGFAFEGIINKSIIEKNVLKDEFLFG(MSE)DYKNYNSDR
;
_entity_poly.pdbx_strand_id   A,B
#
# COMPACT_ATOMS: atom_id res chain seq x y z
N ALA A 3 -17.33 19.62 -6.86
CA ALA A 3 -16.30 19.70 -5.79
C ALA A 3 -14.92 19.32 -6.33
N LEU A 5 -10.33 20.56 -6.50
CA LEU A 5 -9.16 21.26 -6.02
C LEU A 5 -8.46 21.96 -7.15
N LYS A 6 -8.07 23.18 -6.85
CA LYS A 6 -7.62 24.16 -7.78
C LYS A 6 -6.22 24.55 -7.36
N GLY A 7 -5.31 24.57 -8.30
CA GLY A 7 -4.03 25.17 -8.12
C GLY A 7 -3.90 26.18 -9.23
N LYS A 8 -2.73 26.78 -9.36
CA LYS A 8 -2.50 27.82 -10.38
C LYS A 8 -2.59 27.22 -11.78
N TYR A 9 -1.97 26.07 -11.98
CA TYR A 9 -2.03 25.45 -13.30
C TYR A 9 -2.74 24.12 -13.40
N THR A 10 -3.22 23.60 -12.31
CA THR A 10 -3.77 22.25 -12.32
C THR A 10 -5.12 22.20 -11.64
N LYS A 11 -5.83 21.09 -11.87
CA LYS A 11 -7.11 20.79 -11.23
C LYS A 11 -7.15 19.31 -10.83
N ILE A 12 -7.74 19.03 -9.66
CA ILE A 12 -7.93 17.66 -9.20
C ILE A 12 -9.45 17.51 -8.91
N GLU A 13 -10.07 16.53 -9.54
CA GLU A 13 -11.51 16.35 -9.44
C GLU A 13 -11.82 14.88 -9.29
N LYS A 14 -12.86 14.57 -8.52
CA LYS A 14 -13.35 13.20 -8.32
C LYS A 14 -13.96 12.69 -9.61
N VAL A 15 -13.69 11.44 -9.97
CA VAL A 15 -14.25 10.85 -11.20
C VAL A 15 -15.68 10.40 -10.94
N ASN A 16 -16.59 10.89 -11.75
CA ASN A 16 -18.02 10.80 -11.56
C ASN A 16 -18.54 9.41 -11.25
N GLY A 17 -18.12 8.40 -11.97
CA GLY A 17 -18.67 7.11 -11.69
C GLY A 17 -18.06 6.32 -10.57
N VAL A 18 -16.83 6.67 -10.21
CA VAL A 18 -15.92 5.85 -9.48
C VAL A 18 -15.43 6.36 -8.14
N GLU A 19 -15.68 5.59 -7.12
CA GLU A 19 -15.15 5.83 -5.80
C GLU A 19 -13.64 5.83 -5.77
N ARG A 20 -13.07 6.73 -4.96
CA ARG A 20 -11.63 6.75 -4.65
C ARG A 20 -10.74 7.01 -5.86
N GLU A 21 -11.31 7.64 -6.90
CA GLU A 21 -10.53 7.97 -8.10
C GLU A 21 -10.67 9.47 -8.41
N TYR A 22 -9.54 10.09 -8.73
CA TYR A 22 -9.53 11.51 -9.01
C TYR A 22 -8.76 11.76 -10.26
N LEU A 23 -9.24 12.71 -11.04
CA LEU A 23 -8.68 13.08 -12.33
C LEU A 23 -7.83 14.33 -12.13
N ILE A 24 -6.58 14.27 -12.61
CA ILE A 24 -5.72 15.50 -12.67
C ILE A 24 -5.69 16.05 -14.10
N THR A 25 -6.00 17.33 -14.25
CA THR A 25 -5.93 17.99 -15.59
C THR A 25 -5.19 19.32 -15.48
N ASP A 26 -4.84 19.90 -16.64
CA ASP A 26 -4.34 21.28 -16.62
C ASP A 26 -5.50 22.23 -16.88
N LYS A 27 -5.23 23.52 -16.98
CA LYS A 27 -6.28 24.51 -17.13
C LYS A 27 -7.08 24.46 -18.46
N TYR A 28 -6.58 23.77 -19.49
CA TYR A 28 -7.34 23.50 -20.73
C TYR A 28 -8.14 22.20 -20.61
N GLY A 29 -8.00 21.52 -19.48
CA GLY A 29 -8.73 20.27 -19.27
C GLY A 29 -8.10 19.04 -19.91
N ILE A 30 -6.83 19.10 -20.24
CA ILE A 30 -6.08 17.93 -20.76
C ILE A 30 -5.62 17.14 -19.51
N THR A 31 -5.78 15.81 -19.60
CA THR A 31 -5.44 14.92 -18.49
C THR A 31 -3.94 14.75 -18.36
N ILE A 32 -3.48 15.03 -17.14
CA ILE A 32 -2.10 14.83 -16.72
C ILE A 32 -1.97 13.39 -16.18
N GLY A 33 -2.92 13.00 -15.35
CA GLY A 33 -2.92 11.70 -14.68
C GLY A 33 -4.10 11.51 -13.76
N ARG A 34 -3.96 10.51 -12.89
CA ARG A 34 -5.05 10.17 -11.99
C ARG A 34 -4.52 9.77 -10.63
N ILE A 35 -5.34 9.98 -9.61
CA ILE A 35 -5.00 9.57 -8.26
C ILE A 35 -5.99 8.50 -7.91
N PHE A 36 -5.49 7.41 -7.30
CA PHE A 36 -6.31 6.31 -6.85
C PHE A 36 -6.06 6.10 -5.39
N ILE A 37 -7.10 6.23 -4.57
CA ILE A 37 -6.94 5.97 -3.12
C ILE A 37 -6.89 4.44 -2.90
N VAL A 38 -5.83 3.97 -2.27
CA VAL A 38 -5.51 2.56 -2.10
C VAL A 38 -5.85 2.16 -0.66
N ASP A 39 -5.61 3.03 0.31
CA ASP A 39 -5.86 2.73 1.69
C ASP A 39 -6.21 4.03 2.41
N LEU A 40 -7.28 4.00 3.19
CA LEU A 40 -7.72 5.16 3.95
C LEU A 40 -8.28 4.62 5.25
N ASN A 41 -7.82 5.19 6.34
CA ASN A 41 -8.24 4.72 7.66
C ASN A 41 -8.30 5.92 8.57
N LYS A 42 -9.53 6.24 8.94
CA LYS A 42 -9.76 7.39 9.76
C LYS A 42 -9.28 7.20 11.18
N ASP A 43 -9.36 5.99 11.74
CA ASP A 43 -8.80 5.76 13.10
C ASP A 43 -7.25 5.93 13.09
N ASN A 44 -6.61 5.50 12.02
CA ASN A 44 -5.16 5.71 11.92
C ASN A 44 -4.77 7.05 11.33
N ARG A 45 -5.77 7.80 10.91
CA ARG A 45 -5.59 9.09 10.24
C ARG A 45 -4.59 8.92 9.09
N PHE A 46 -4.77 7.83 8.35
CA PHE A 46 -3.76 7.34 7.39
C PHE A 46 -4.40 7.31 6.00
N CYS A 47 -3.72 7.84 5.01
CA CYS A 47 -4.17 7.78 3.63
C CYS A 47 -3.01 7.41 2.75
N PHE A 49 -2.19 6.51 -1.35
CA PHE A 49 -2.70 6.49 -2.73
C PHE A 49 -1.64 6.24 -3.78
N ARG A 50 -2.13 5.80 -4.95
CA ARG A 50 -1.31 5.60 -6.13
C ARG A 50 -1.53 6.77 -7.10
N LYS A 52 -0.83 8.04 -10.83
CA LYS A 52 -0.42 7.69 -12.17
C LYS A 52 -0.25 9.00 -12.92
N ILE A 53 0.85 9.13 -13.63
CA ILE A 53 1.12 10.32 -14.44
C ILE A 53 1.42 9.81 -15.80
N TYR A 54 0.78 10.39 -16.81
CA TYR A 54 0.98 9.93 -18.18
C TYR A 54 2.44 10.20 -18.55
N LYS A 55 2.98 9.34 -19.38
CA LYS A 55 4.38 9.50 -19.80
C LYS A 55 4.53 10.82 -20.55
N GLN A 56 5.41 11.69 -20.06
CA GLN A 56 5.52 13.03 -20.58
C GLN A 56 6.64 13.13 -21.59
N GLY A 57 6.42 13.92 -22.63
CA GLY A 57 7.48 14.23 -23.59
C GLY A 57 8.46 15.28 -23.08
N LYS A 58 7.98 16.12 -22.15
CA LYS A 58 8.80 17.14 -21.51
C LYS A 58 8.81 17.05 -19.97
N SER A 59 9.66 17.87 -19.35
CA SER A 59 9.68 18.00 -17.88
C SER A 59 8.40 18.70 -17.48
N ILE A 60 7.69 18.17 -16.49
CA ILE A 60 6.54 18.88 -15.91
C ILE A 60 6.71 18.93 -14.42
N ASN A 61 7.96 18.92 -13.94
CA ASN A 61 8.20 18.88 -12.48
C ASN A 61 7.49 19.99 -11.72
N THR A 62 7.42 21.21 -12.27
CA THR A 62 6.75 22.29 -11.56
C THR A 62 5.27 21.89 -11.35
N TYR A 63 4.70 21.17 -12.31
CA TYR A 63 3.28 20.79 -12.26
C TYR A 63 3.06 19.69 -11.24
N ILE A 64 3.92 18.68 -11.28
CA ILE A 64 3.87 17.61 -10.29
C ILE A 64 3.97 18.16 -8.87
N LYS A 65 4.92 19.06 -8.64
CA LYS A 65 5.07 19.75 -7.35
C LYS A 65 3.77 20.42 -6.94
N GLU A 66 3.11 21.07 -7.88
CA GLU A 66 1.85 21.74 -7.59
C GLU A 66 0.78 20.70 -7.22
N ILE A 67 0.71 19.63 -7.99
CA ILE A 67 -0.34 18.64 -7.75
C ILE A 67 -0.19 18.10 -6.31
N LEU A 68 1.02 17.73 -5.97
CA LEU A 68 1.32 17.19 -4.66
C LEU A 68 1.03 18.20 -3.57
N SER A 69 1.38 19.46 -3.79
CA SER A 69 1.19 20.50 -2.82
C SER A 69 -0.29 20.74 -2.61
N VAL A 70 -1.03 20.84 -3.68
CA VAL A 70 -2.48 21.01 -3.65
C VAL A 70 -3.17 19.88 -2.89
N PHE A 71 -2.81 18.64 -3.22
CA PHE A 71 -3.46 17.47 -2.62
C PHE A 71 -3.06 17.27 -1.16
N GLU A 73 -2.20 19.67 1.00
CA GLU A 73 -2.94 20.69 1.74
C GLU A 73 -4.37 20.21 2.03
N PHE A 74 -5.01 19.66 1.01
CA PHE A 74 -6.32 19.02 1.14
C PHE A 74 -6.39 17.90 2.19
N LEU A 75 -5.48 16.94 2.09
CA LEU A 75 -5.45 15.80 3.03
C LEU A 75 -5.10 16.17 4.46
N PHE A 76 -4.02 16.94 4.63
CA PHE A 76 -3.55 17.39 5.94
C PHE A 76 -4.41 18.44 6.61
N LYS A 77 -4.92 19.42 5.86
CA LYS A 77 -5.53 20.57 6.49
C LYS A 77 -7.02 20.64 6.37
N SER A 78 -7.58 19.94 5.38
CA SER A 78 -9.05 19.86 5.21
C SER A 78 -9.61 18.46 5.46
N ASN A 79 -8.76 17.47 5.77
CA ASN A 79 -9.23 16.12 6.09
C ASN A 79 -8.66 15.41 7.33
N ASP A 80 -7.90 16.05 8.20
CA ASP A 80 -7.50 15.34 9.45
C ASP A 80 -6.58 14.11 9.26
N ILE A 81 -5.83 14.11 8.17
CA ILE A 81 -4.85 13.05 7.92
C ILE A 81 -3.59 13.36 8.69
N ASN A 82 -2.97 12.35 9.26
CA ASN A 82 -1.68 12.53 9.91
C ASN A 82 -0.50 12.06 9.06
N LYS A 83 -0.73 10.97 8.33
CA LYS A 83 0.30 10.35 7.54
C LYS A 83 -0.26 10.03 6.17
N VAL A 84 0.46 10.50 5.15
CA VAL A 84 0.17 10.25 3.79
C VAL A 84 1.32 9.44 3.13
N ASN A 85 0.96 8.36 2.45
CA ASN A 85 1.86 7.64 1.55
C ASN A 85 1.41 7.67 0.09
N ILE A 86 2.39 7.74 -0.80
CA ILE A 86 2.20 7.88 -2.26
C ILE A 86 3.04 6.78 -2.95
N ILE A 87 2.34 6.00 -3.78
CA ILE A 87 2.90 4.97 -4.63
C ILE A 87 2.91 5.54 -6.02
N VAL A 88 4.09 5.52 -6.64
CA VAL A 88 4.30 6.01 -8.01
C VAL A 88 5.25 5.09 -8.75
N ASP A 89 4.99 4.93 -10.03
CA ASP A 89 5.86 4.24 -10.97
C ASP A 89 7.21 4.92 -10.91
N GLU A 90 8.29 4.13 -10.96
CA GLU A 90 9.59 4.70 -10.83
C GLU A 90 9.96 5.60 -12.01
N GLU A 91 9.23 5.50 -13.13
CA GLU A 91 9.40 6.46 -14.23
C GLU A 91 9.07 7.89 -13.92
N VAL A 92 8.20 8.12 -12.94
CA VAL A 92 7.77 9.47 -12.58
C VAL A 92 8.98 10.15 -11.95
N SER A 93 9.10 11.45 -12.18
CA SER A 93 10.26 12.22 -11.71
C SER A 93 10.23 12.33 -10.20
N THR A 94 11.27 11.82 -9.53
CA THR A 94 11.28 11.75 -8.06
C THR A 94 11.73 13.08 -7.42
N GLN A 95 12.22 13.96 -8.27
CA GLN A 95 12.72 15.27 -7.87
C GLN A 95 11.67 16.10 -7.13
N PRO A 96 10.43 16.20 -7.68
CA PRO A 96 9.45 16.99 -6.99
C PRO A 96 9.19 16.48 -5.58
N PHE A 97 9.20 15.16 -5.39
CA PHE A 97 8.92 14.58 -4.08
C PHE A 97 10.00 14.94 -3.07
N VAL A 98 11.24 14.82 -3.50
CA VAL A 98 12.37 15.09 -2.61
C VAL A 98 12.42 16.60 -2.26
N GLU A 99 12.14 17.45 -3.24
CA GLU A 99 12.15 18.90 -3.01
C GLU A 99 11.00 19.38 -2.08
N LEU A 100 9.91 18.63 -2.02
CA LEU A 100 8.82 18.99 -1.12
C LEU A 100 9.02 18.38 0.27
N GLY A 101 10.05 17.56 0.46
CA GLY A 101 10.31 16.98 1.76
C GLY A 101 9.74 15.60 2.05
N PHE A 102 9.27 14.89 1.04
CA PHE A 102 8.81 13.51 1.24
C PHE A 102 9.97 12.58 1.52
N ALA A 103 9.75 11.62 2.39
CA ALA A 103 10.68 10.49 2.61
C ALA A 103 10.43 9.35 1.60
N PHE A 104 11.52 8.72 1.14
CA PHE A 104 11.44 7.45 0.44
C PHE A 104 11.24 6.36 1.48
N GLU A 105 10.09 5.71 1.51
CA GLU A 105 9.81 4.74 2.55
C GLU A 105 10.01 3.33 2.08
N GLY A 106 10.05 3.15 0.78
CA GLY A 106 10.42 1.84 0.18
C GLY A 106 10.29 1.75 -1.32
N ILE A 107 10.59 0.56 -1.86
CA ILE A 107 10.48 0.30 -3.28
C ILE A 107 9.71 -1.00 -3.38
N ILE A 108 8.58 -0.91 -4.05
CA ILE A 108 7.73 -2.03 -4.26
C ILE A 108 8.16 -2.58 -5.62
N ASN A 109 8.99 -3.63 -5.59
CA ASN A 109 9.53 -4.22 -6.82
C ASN A 109 8.45 -4.99 -7.60
N LYS A 110 8.45 -4.85 -8.91
CA LYS A 110 7.70 -5.72 -9.85
C LYS A 110 6.19 -5.75 -9.55
N SER A 111 5.63 -4.60 -9.19
CA SER A 111 4.18 -4.44 -8.94
C SER A 111 3.42 -3.92 -10.13
N ILE A 112 4.15 -3.60 -11.20
CA ILE A 112 3.57 -3.11 -12.45
C ILE A 112 3.95 -4.03 -13.61
N ILE A 113 2.96 -4.39 -14.40
CA ILE A 113 3.17 -5.02 -15.70
C ILE A 113 2.66 -4.13 -16.80
N GLU A 114 3.53 -3.74 -17.70
CA GLU A 114 3.21 -2.79 -18.75
C GLU A 114 3.81 -3.28 -20.03
N LYS A 115 3.02 -3.50 -21.05
CA LYS A 115 3.51 -4.16 -22.26
C LYS A 115 4.55 -5.22 -21.96
N ASN A 116 4.21 -6.08 -21.02
CA ASN A 116 4.91 -7.31 -20.74
C ASN A 116 6.23 -7.28 -20.02
N VAL A 117 6.55 -6.14 -19.45
CA VAL A 117 7.75 -6.03 -18.61
C VAL A 117 7.28 -5.56 -17.23
N LEU A 118 7.88 -6.18 -16.20
CA LEU A 118 7.57 -5.84 -14.82
C LEU A 118 8.38 -4.61 -14.41
N LYS A 119 7.72 -3.63 -13.80
CA LYS A 119 8.40 -2.43 -13.35
C LYS A 119 8.16 -2.22 -11.85
N ASP A 120 8.99 -1.36 -11.27
CA ASP A 120 8.97 -1.11 -9.83
C ASP A 120 8.15 0.16 -9.55
N GLU A 121 7.67 0.26 -8.31
CA GLU A 121 7.11 1.49 -7.76
C GLU A 121 7.85 2.00 -6.51
N PHE A 122 7.98 3.32 -6.43
CA PHE A 122 8.44 3.99 -5.21
C PHE A 122 7.36 4.18 -4.24
N LEU A 123 7.72 4.11 -2.95
CA LEU A 123 6.81 4.45 -1.88
C LEU A 123 7.37 5.66 -1.17
N PHE A 124 6.65 6.78 -1.26
CA PHE A 124 7.00 8.03 -0.57
C PHE A 124 6.12 8.29 0.64
N GLY A 125 6.61 8.95 1.68
CA GLY A 125 5.75 9.26 2.80
C GLY A 125 5.97 10.65 3.34
N ASP A 127 4.36 13.00 6.88
CA ASP A 127 3.40 13.24 7.98
C ASP A 127 3.09 14.72 8.19
N TYR A 128 2.04 15.00 8.97
CA TYR A 128 1.60 16.38 9.24
C TYR A 128 2.74 17.23 9.82
N LYS A 129 3.45 16.70 10.81
CA LYS A 129 4.57 17.41 11.40
C LYS A 129 5.53 17.91 10.32
N ASN A 130 5.89 16.98 9.44
CA ASN A 130 6.75 17.24 8.26
C ASN A 130 6.14 18.35 7.38
N TYR A 131 4.91 18.14 6.95
CA TYR A 131 4.17 19.10 6.14
C TYR A 131 4.09 20.50 6.75
N ASN A 132 3.72 20.58 8.02
CA ASN A 132 3.42 21.85 8.66
C ASN A 132 4.63 22.62 9.21
N SER A 133 5.82 22.01 9.21
CA SER A 133 6.98 22.71 9.79
C SER A 133 7.44 23.94 8.94
N LEU B 5 -8.56 -23.28 2.71
CA LEU B 5 -7.20 -22.74 3.11
C LEU B 5 -6.70 -23.27 4.47
N LYS B 6 -6.05 -24.43 4.37
CA LYS B 6 -5.82 -25.30 5.49
C LYS B 6 -4.34 -25.69 5.54
N GLY B 7 -3.76 -25.57 6.72
CA GLY B 7 -2.49 -26.20 7.02
C GLY B 7 -2.70 -27.17 8.15
N LYS B 8 -1.58 -27.70 8.63
CA LYS B 8 -1.50 -28.50 9.85
C LYS B 8 -2.22 -27.93 11.10
N TYR B 9 -1.89 -26.69 11.43
CA TYR B 9 -2.29 -26.06 12.70
C TYR B 9 -3.25 -24.87 12.53
N THR B 10 -3.35 -24.37 11.32
CA THR B 10 -3.96 -23.09 11.05
C THR B 10 -4.91 -23.20 9.87
N LYS B 11 -5.81 -22.23 9.79
CA LYS B 11 -6.68 -22.11 8.63
C LYS B 11 -7.01 -20.65 8.43
N ILE B 12 -7.32 -20.36 7.16
CA ILE B 12 -7.59 -18.97 6.68
C ILE B 12 -8.93 -19.12 5.91
N GLU B 13 -9.97 -18.45 6.40
CA GLU B 13 -11.32 -18.53 5.83
C GLU B 13 -11.77 -17.14 5.43
N LYS B 14 -12.16 -16.99 4.16
CA LYS B 14 -12.84 -15.78 3.67
C LYS B 14 -14.01 -15.44 4.61
N VAL B 15 -14.10 -14.21 5.11
CA VAL B 15 -15.22 -13.84 5.98
C VAL B 15 -16.52 -13.57 5.17
N ASN B 16 -17.63 -14.25 5.53
CA ASN B 16 -18.95 -14.01 4.90
C ASN B 16 -19.47 -12.58 5.13
N GLY B 17 -20.18 -12.03 4.16
CA GLY B 17 -20.86 -10.72 4.31
C GLY B 17 -19.98 -9.46 4.28
N VAL B 18 -18.68 -9.68 4.22
CA VAL B 18 -17.68 -8.62 4.11
C VAL B 18 -16.98 -8.94 2.78
N GLU B 19 -16.35 -7.93 2.19
CA GLU B 19 -15.43 -8.13 1.06
C GLU B 19 -13.98 -8.10 1.56
N ARG B 20 -13.13 -8.90 0.92
CA ARG B 20 -11.68 -8.78 1.07
C ARG B 20 -11.05 -9.01 2.46
N GLU B 21 -11.78 -9.69 3.33
CA GLU B 21 -11.29 -10.03 4.65
C GLU B 21 -11.30 -11.53 4.86
N TYR B 22 -10.24 -12.00 5.52
CA TYR B 22 -10.03 -13.42 5.86
C TYR B 22 -9.76 -13.58 7.36
N LEU B 23 -10.38 -14.57 7.99
CA LEU B 23 -10.13 -14.87 9.42
C LEU B 23 -9.08 -15.95 9.53
N ILE B 24 -8.07 -15.69 10.34
CA ILE B 24 -7.04 -16.67 10.68
C ILE B 24 -7.34 -17.24 12.07
N THR B 25 -7.47 -18.57 12.11
CA THR B 25 -7.83 -19.32 13.29
C THR B 25 -6.82 -20.47 13.35
N ASP B 26 -6.69 -21.08 14.53
CA ASP B 26 -5.93 -22.34 14.62
C ASP B 26 -6.94 -23.45 14.66
N LYS B 27 -6.47 -24.69 14.74
CA LYS B 27 -7.39 -25.83 14.61
C LYS B 27 -8.35 -25.92 15.75
N TYR B 28 -8.01 -25.27 16.85
CA TYR B 28 -8.83 -25.28 18.05
C TYR B 28 -9.93 -24.23 17.94
N GLY B 29 -9.86 -23.41 16.88
CA GLY B 29 -10.90 -22.44 16.56
C GLY B 29 -10.62 -21.06 17.12
N ILE B 30 -9.46 -20.89 17.73
CA ILE B 30 -9.10 -19.64 18.35
C ILE B 30 -8.50 -18.72 17.27
N THR B 31 -8.93 -17.47 17.28
CA THR B 31 -8.51 -16.40 16.30
C THR B 31 -7.12 -15.87 16.54
N ILE B 32 -6.31 -15.97 15.51
CA ILE B 32 -4.94 -15.51 15.48
C ILE B 32 -4.89 -14.07 14.97
N GLY B 33 -5.60 -13.80 13.89
CA GLY B 33 -5.74 -12.49 13.39
C GLY B 33 -6.57 -12.50 12.14
N ARG B 34 -6.40 -11.49 11.32
CA ARG B 34 -7.14 -11.38 10.08
C ARG B 34 -6.23 -10.79 8.98
N ILE B 35 -6.57 -11.11 7.74
CA ILE B 35 -5.99 -10.54 6.53
C ILE B 35 -7.03 -9.62 5.85
N PHE B 36 -6.60 -8.42 5.45
CA PHE B 36 -7.40 -7.49 4.70
C PHE B 36 -6.70 -7.19 3.37
N ILE B 37 -7.37 -7.45 2.25
CA ILE B 37 -6.77 -7.17 0.96
C ILE B 37 -6.85 -5.67 0.82
N VAL B 38 -5.72 -5.04 0.54
CA VAL B 38 -5.63 -3.59 0.42
C VAL B 38 -5.61 -3.12 -1.01
N ASP B 39 -4.95 -3.85 -1.88
CA ASP B 39 -4.78 -3.50 -3.28
C ASP B 39 -4.71 -4.80 -4.08
N LEU B 40 -5.62 -4.97 -5.01
CA LEU B 40 -5.55 -6.11 -5.92
C LEU B 40 -5.63 -5.63 -7.35
N ASN B 41 -4.67 -6.02 -8.18
CA ASN B 41 -4.72 -5.59 -9.59
C ASN B 41 -4.37 -6.74 -10.50
N LYS B 42 -5.35 -7.26 -11.20
CA LYS B 42 -5.20 -8.51 -11.95
C LYS B 42 -4.37 -8.30 -13.18
N ASP B 43 -4.44 -7.10 -13.75
CA ASP B 43 -3.58 -6.74 -14.89
C ASP B 43 -2.12 -6.56 -14.51
N ASN B 44 -1.84 -6.14 -13.29
CA ASN B 44 -0.44 -6.18 -12.80
C ASN B 44 -0.12 -7.44 -12.02
N ARG B 45 -1.13 -8.30 -11.85
CA ARG B 45 -0.98 -9.55 -11.15
C ARG B 45 -0.31 -9.23 -9.80
N PHE B 46 -0.90 -8.28 -9.09
CA PHE B 46 -0.30 -7.70 -7.91
C PHE B 46 -1.33 -7.74 -6.81
N CYS B 47 -0.92 -8.16 -5.61
CA CYS B 47 -1.86 -8.23 -4.49
C CYS B 47 -1.17 -7.75 -3.26
N PHE B 49 -1.69 -6.89 0.78
CA PHE B 49 -2.56 -7.09 1.91
C PHE B 49 -1.95 -6.74 3.27
N ARG B 50 -2.83 -6.45 4.21
CA ARG B 50 -2.46 -6.16 5.56
C ARG B 50 -2.86 -7.37 6.39
N LYS B 52 -3.15 -8.48 10.29
CA LYS B 52 -3.21 -8.14 11.70
C LYS B 52 -3.07 -9.42 12.56
N ILE B 53 -2.13 -9.41 13.48
CA ILE B 53 -1.97 -10.48 14.47
C ILE B 53 -2.22 -9.91 15.87
N TYR B 54 -3.10 -10.56 16.61
CA TYR B 54 -3.29 -10.22 18.00
C TYR B 54 -1.97 -10.30 18.72
N LYS B 55 -1.77 -9.43 19.69
CA LYS B 55 -0.50 -9.39 20.42
C LYS B 55 -0.33 -10.70 21.16
N GLN B 56 0.78 -11.40 20.87
CA GLN B 56 1.01 -12.74 21.33
C GLN B 56 1.90 -12.69 22.53
N GLY B 57 1.49 -13.42 23.56
CA GLY B 57 2.31 -13.61 24.73
C GLY B 57 3.43 -14.61 24.55
N LYS B 58 3.35 -15.49 23.57
CA LYS B 58 4.44 -16.46 23.36
C LYS B 58 4.82 -16.32 21.92
N SER B 59 5.97 -16.86 21.51
CA SER B 59 6.33 -16.82 20.08
C SER B 59 5.43 -17.77 19.36
N ILE B 60 4.87 -17.34 18.24
CA ILE B 60 4.01 -18.21 17.40
C ILE B 60 4.60 -18.30 16.00
N ASN B 61 5.93 -18.20 15.92
CA ASN B 61 6.63 -18.11 14.64
C ASN B 61 6.25 -19.25 13.69
N THR B 62 6.26 -20.46 14.20
CA THR B 62 5.96 -21.62 13.40
C THR B 62 4.55 -21.47 12.79
N TYR B 63 3.61 -20.96 13.57
CA TYR B 63 2.22 -20.91 13.10
C TYR B 63 2.11 -19.81 12.07
N ILE B 64 2.83 -18.71 12.30
CA ILE B 64 2.77 -17.61 11.35
C ILE B 64 3.40 -18.00 10.05
N LYS B 65 4.45 -18.81 10.11
CA LYS B 65 5.08 -19.29 8.89
C LYS B 65 4.14 -20.19 8.09
N GLU B 66 3.44 -21.10 8.76
CA GLU B 66 2.41 -21.87 8.10
C GLU B 66 1.33 -20.96 7.45
N ILE B 67 0.83 -19.97 8.18
CA ILE B 67 -0.21 -19.12 7.68
C ILE B 67 0.31 -18.46 6.43
N LEU B 68 1.53 -17.88 6.51
CA LEU B 68 2.12 -17.23 5.32
C LEU B 68 2.27 -18.18 4.14
N SER B 69 2.76 -19.39 4.40
CA SER B 69 2.92 -20.35 3.31
C SER B 69 1.61 -20.79 2.67
N VAL B 70 0.59 -21.08 3.49
CA VAL B 70 -0.74 -21.41 2.99
C VAL B 70 -1.26 -20.29 2.06
N PHE B 71 -1.20 -19.05 2.55
CA PHE B 71 -1.74 -17.92 1.82
C PHE B 71 -0.94 -17.62 0.57
N GLU B 73 0.65 -19.88 -1.20
CA GLU B 73 0.25 -20.90 -2.20
C GLU B 73 -1.06 -20.51 -2.91
N PHE B 74 -2.02 -20.01 -2.12
CA PHE B 74 -3.34 -19.58 -2.60
C PHE B 74 -3.23 -18.45 -3.65
N LEU B 75 -2.34 -17.49 -3.39
CA LEU B 75 -2.22 -16.35 -4.28
C LEU B 75 -1.44 -16.69 -5.55
N PHE B 76 -0.34 -17.40 -5.39
CA PHE B 76 0.54 -17.74 -6.51
C PHE B 76 -0.02 -18.86 -7.36
N LYS B 77 -0.55 -19.91 -6.72
CA LYS B 77 -0.99 -21.08 -7.46
C LYS B 77 -2.47 -21.05 -7.83
N SER B 78 -3.32 -20.34 -7.09
CA SER B 78 -4.77 -20.30 -7.45
C SER B 78 -5.36 -18.91 -7.77
N ASN B 79 -4.53 -17.87 -7.76
CA ASN B 79 -4.99 -16.51 -8.13
C ASN B 79 -4.06 -15.82 -9.12
N ASP B 80 -3.08 -16.55 -9.67
CA ASP B 80 -2.26 -16.06 -10.79
C ASP B 80 -1.55 -14.74 -10.46
N ILE B 81 -1.21 -14.58 -9.19
CA ILE B 81 -0.56 -13.34 -8.74
C ILE B 81 0.92 -13.51 -9.03
N ASN B 82 1.57 -12.43 -9.47
CA ASN B 82 3.03 -12.45 -9.63
C ASN B 82 3.80 -11.82 -8.45
N LYS B 83 3.17 -10.87 -7.77
CA LYS B 83 3.83 -10.16 -6.72
C LYS B 83 2.89 -9.98 -5.59
N VAL B 84 3.36 -10.35 -4.41
CA VAL B 84 2.62 -10.15 -3.21
C VAL B 84 3.38 -9.22 -2.30
N ASN B 85 2.63 -8.29 -1.69
CA ASN B 85 3.13 -7.46 -0.63
C ASN B 85 2.31 -7.59 0.64
N ILE B 86 3.00 -7.55 1.75
CA ILE B 86 2.34 -7.73 3.04
C ILE B 86 2.70 -6.60 3.95
N ILE B 87 1.67 -6.02 4.55
CA ILE B 87 1.85 -4.92 5.47
C ILE B 87 1.59 -5.41 6.88
N VAL B 88 2.53 -5.17 7.81
CA VAL B 88 2.37 -5.57 9.24
C VAL B 88 2.83 -4.49 10.22
N ASP B 89 2.08 -4.31 11.28
CA ASP B 89 2.52 -3.57 12.46
C ASP B 89 3.92 -4.01 12.87
N GLU B 90 4.72 -3.02 13.27
CA GLU B 90 6.04 -3.22 13.79
C GLU B 90 6.14 -4.14 14.98
N GLU B 91 5.07 -4.28 15.75
CA GLU B 91 5.07 -5.19 16.89
C GLU B 91 4.93 -6.64 16.47
N VAL B 92 4.68 -6.89 15.19
CA VAL B 92 4.70 -8.24 14.65
C VAL B 92 6.15 -8.66 14.41
N SER B 93 6.55 -9.81 14.95
CA SER B 93 7.92 -10.23 14.82
C SER B 93 8.19 -10.39 13.35
N THR B 94 9.35 -9.95 12.94
CA THR B 94 9.77 -10.08 11.56
C THR B 94 10.28 -11.51 11.23
N GLN B 95 10.52 -12.32 12.26
CA GLN B 95 11.14 -13.64 12.12
C GLN B 95 10.51 -14.53 11.06
N PRO B 96 9.16 -14.64 10.99
CA PRO B 96 8.51 -15.44 9.94
C PRO B 96 8.78 -14.98 8.52
N PHE B 97 8.79 -13.69 8.31
CA PHE B 97 9.05 -13.14 6.96
C PHE B 97 10.47 -13.41 6.49
N VAL B 98 11.42 -13.20 7.35
CA VAL B 98 12.84 -13.38 7.00
C VAL B 98 13.13 -14.83 6.87
N GLU B 99 12.54 -15.62 7.72
CA GLU B 99 12.82 -17.01 7.66
C GLU B 99 12.25 -17.54 6.39
N LEU B 100 11.09 -17.06 5.95
CA LEU B 100 10.56 -17.51 4.61
C LEU B 100 11.22 -16.86 3.38
N GLY B 101 12.12 -15.91 3.58
CA GLY B 101 12.86 -15.32 2.45
C GLY B 101 12.09 -14.16 1.80
N PHE B 102 11.16 -13.56 2.56
CA PHE B 102 10.48 -12.38 2.06
C PHE B 102 11.54 -11.28 1.93
N ALA B 103 11.45 -10.44 0.91
CA ALA B 103 12.21 -9.18 0.89
C ALA B 103 11.59 -8.10 1.83
N PHE B 104 12.45 -7.35 2.53
CA PHE B 104 12.07 -6.23 3.38
C PHE B 104 12.06 -5.00 2.46
N GLU B 105 10.88 -4.67 1.96
CA GLU B 105 10.73 -3.65 0.90
C GLU B 105 10.53 -2.19 1.38
N GLY B 106 10.06 -1.98 2.61
CA GLY B 106 9.92 -0.65 3.17
C GLY B 106 9.40 -0.66 4.60
N ILE B 107 9.43 0.52 5.23
CA ILE B 107 8.83 0.79 6.52
C ILE B 107 7.89 1.97 6.27
N ILE B 108 6.60 1.73 6.52
CA ILE B 108 5.57 2.78 6.41
C ILE B 108 5.59 3.47 7.78
N ASN B 109 6.15 4.67 7.83
CA ASN B 109 6.28 5.40 9.09
C ASN B 109 4.91 5.91 9.61
N LYS B 110 4.65 5.67 10.90
CA LYS B 110 3.53 6.25 11.62
C LYS B 110 2.15 6.15 10.93
N SER B 111 1.91 4.96 10.39
CA SER B 111 0.62 4.62 9.73
C SER B 111 -0.44 4.03 10.70
N ILE B 112 -0.09 3.82 11.96
CA ILE B 112 -0.99 3.26 12.96
C ILE B 112 -1.05 4.19 14.17
N ILE B 113 -2.23 4.37 14.68
CA ILE B 113 -2.41 5.02 15.95
C ILE B 113 -3.13 4.06 16.82
N GLU B 114 -2.45 3.67 17.89
CA GLU B 114 -2.97 2.71 18.81
C GLU B 114 -2.84 3.29 20.18
N LYS B 115 -3.97 3.37 20.84
CA LYS B 115 -4.07 3.97 22.16
C LYS B 115 -3.26 5.22 22.19
N ASN B 116 -3.30 5.94 21.08
CA ASN B 116 -2.79 7.28 21.00
C ASN B 116 -1.29 7.46 20.86
N VAL B 117 -0.57 6.44 20.44
CA VAL B 117 0.82 6.63 20.05
C VAL B 117 1.00 6.08 18.67
N LEU B 118 1.92 6.65 17.94
CA LEU B 118 2.11 6.31 16.56
C LEU B 118 3.00 5.08 16.45
N LYS B 119 2.59 4.12 15.62
CA LYS B 119 3.42 2.98 15.31
C LYS B 119 3.64 2.90 13.78
N ASP B 120 4.75 2.27 13.39
CA ASP B 120 5.10 2.08 11.97
C ASP B 120 4.54 0.75 11.52
N GLU B 121 4.55 0.52 10.20
CA GLU B 121 4.23 -0.81 9.66
C GLU B 121 5.38 -1.25 8.78
N PHE B 122 5.66 -2.55 8.74
CA PHE B 122 6.68 -3.06 7.82
C PHE B 122 6.03 -3.55 6.56
N LEU B 123 6.76 -3.41 5.45
CA LEU B 123 6.30 -3.82 4.11
C LEU B 123 7.19 -4.95 3.58
N PHE B 124 6.60 -6.11 3.39
CA PHE B 124 7.38 -7.27 2.94
C PHE B 124 6.88 -7.63 1.55
N GLY B 125 7.74 -8.17 0.69
CA GLY B 125 7.32 -8.61 -0.63
C GLY B 125 7.88 -9.97 -1.02
N ASP B 127 7.77 -12.10 -4.93
CA ASP B 127 7.30 -12.43 -6.29
C ASP B 127 7.39 -13.95 -6.56
N TYR B 128 6.80 -14.37 -7.67
CA TYR B 128 6.65 -15.82 -7.99
C TYR B 128 8.02 -16.53 -8.09
N LYS B 129 8.98 -15.86 -8.72
CA LYS B 129 10.33 -16.38 -8.88
C LYS B 129 10.96 -16.69 -7.53
N ASN B 130 10.79 -15.79 -6.57
CA ASN B 130 11.27 -16.02 -5.19
C ASN B 130 10.46 -17.18 -4.58
N TYR B 131 9.13 -17.18 -4.70
CA TYR B 131 8.28 -18.24 -4.17
C TYR B 131 8.62 -19.62 -4.68
N ASN B 132 8.92 -19.69 -5.97
CA ASN B 132 9.10 -20.93 -6.69
C ASN B 132 10.52 -21.47 -6.59
N SER B 133 11.50 -20.60 -6.32
CA SER B 133 12.84 -21.07 -6.06
C SER B 133 12.83 -21.93 -4.78
#